data_3RRG
#
_entry.id   3RRG
#
_cell.length_a   110.279
_cell.length_b   110.279
_cell.length_c   90.966
_cell.angle_alpha   90.00
_cell.angle_beta   90.00
_cell.angle_gamma   120.00
#
_symmetry.space_group_name_H-M   'P 31 2 1'
#
loop_
_entity.id
_entity.type
_entity.pdbx_description
1 polymer 'DNA polymerase I, thermostable'
2 polymer "(5'-D(*GP*AP*CP*CP*AP*CP*GP*GP*CP*GP*CP*(DDG))-3')"
3 polymer "(5'-D(*AP*AP*AP*(3DR)P*CP*GP*CP*GP*CP*CP*GP*TP*GP*GP*TP*C)-3')"
4 non-polymer "2'-3'-DIDEOXYGUANOSINE-5'-TRIPHOSPHATE"
5 non-polymer 'SODIUM ION'
6 non-polymer GLYCEROL
7 non-polymer 'ACETATE ION'
8 water water
#
loop_
_entity_poly.entity_id
_entity_poly.type
_entity_poly.pdbx_seq_one_letter_code
_entity_poly.pdbx_strand_id
1 'polypeptide(L)'
;ALEEAPWPPPEGAFVGFVLSRKEPMWADLLALAAARGGRVHRAPEPYKALRDLKEARGLLAKDLSVLALREGLGLPPGDD
PMLLAYLLDPSNTTPEGVARRYGGEWTEEAGERAALSERLFANLWGRLEGEERLLWLYREVERPLSAVLAHMEATGVRLD
VAYLRALSLEVAEEIARLEAEVFRLAGHPFNLNSRDQLERVLFDELGLPAIGKTEKTGKRSTSAAVLEALREAHPIVEKI
LQYRELTKLKSTYIDPLPDLIHPRTGRLHTRFNQTATATGRLSSSDPNLQNIPVRTPLGQRIRRAFIAEEGWLLVALDYS
QIELRVLAHLSGDENLIRVFQEGRDIHTETASWMFGVPREAVDPLMRRAAKTINFGVLYGMSAHRLSQELAIPYEEAQAF
IERYFQSFPKVRAWIEKTLEEGRRRGYVETLFGRRRYVPDLEARVKSVREAAERMAFNMPVQGTAADLMKLAMVKLFPRL
EEMGARMLLQVHDELVLEAPKERAEAVARLAKEVMEGVYPLAVPLEVEVGIGEDWLSAKE
;
A
2 'polydeoxyribonucleotide' (DG)(DA)(DC)(DC)(DA)(DC)(DG)(DG)(DC)(DG)(DC)(DDG) B
3 'polydeoxyribonucleotide' (DA)(DA)(DA)(3DR)(DC)(DG)(DC)(DG)(DC)(DC)(DG)(DT)(DG)(DG)(DT)(DC) C
#
loop_
_chem_comp.id
_chem_comp.type
_chem_comp.name
_chem_comp.formula
3DR DNA linking 1',2'-DIDEOXYRIBOFURANOSE-5'-PHOSPHATE 'C5 H11 O6 P'
ACT non-polymer 'ACETATE ION' 'C2 H3 O2 -1'
DA DNA linking 2'-DEOXYADENOSINE-5'-MONOPHOSPHATE 'C10 H14 N5 O6 P'
DC DNA linking 2'-DEOXYCYTIDINE-5'-MONOPHOSPHATE 'C9 H14 N3 O7 P'
DDG DNA linking 2',3'-DIDEOXY-GUANOSINE-5'-MONOPHOSPHATE 'C10 H14 N5 O6 P'
DG DNA linking 2'-DEOXYGUANOSINE-5'-MONOPHOSPHATE 'C10 H14 N5 O7 P'
DG3 non-polymer 2'-3'-DIDEOXYGUANOSINE-5'-TRIPHOSPHATE 'C10 H16 N5 O12 P3'
DT DNA linking THYMIDINE-5'-MONOPHOSPHATE 'C10 H15 N2 O8 P'
GOL non-polymer GLYCEROL 'C3 H8 O3'
NA non-polymer 'SODIUM ION' 'Na 1'
#
# COMPACT_ATOMS: atom_id res chain seq x y z
N LEU A 2 -12.19 -28.12 -22.99
CA LEU A 2 -11.30 -29.00 -23.75
C LEU A 2 -11.93 -29.41 -25.07
N GLU A 3 -12.86 -28.60 -25.55
CA GLU A 3 -13.49 -28.82 -26.86
C GLU A 3 -13.36 -27.56 -27.71
N GLU A 4 -13.07 -27.74 -28.99
CA GLU A 4 -12.87 -26.61 -29.90
C GLU A 4 -14.18 -26.07 -30.45
N ALA A 5 -14.81 -25.17 -29.71
CA ALA A 5 -16.06 -24.54 -30.14
C ALA A 5 -15.79 -23.16 -30.71
N PRO A 6 -16.55 -22.77 -31.74
CA PRO A 6 -16.37 -21.48 -32.42
C PRO A 6 -16.73 -20.29 -31.54
N TRP A 7 -15.96 -19.21 -31.65
CA TRP A 7 -16.29 -17.94 -31.00
C TRP A 7 -17.56 -17.41 -31.65
N PRO A 8 -18.42 -16.74 -30.86
CA PRO A 8 -18.24 -16.34 -29.45
C PRO A 8 -18.71 -17.40 -28.46
N PRO A 9 -18.35 -17.22 -27.17
CA PRO A 9 -18.75 -18.11 -26.08
C PRO A 9 -20.14 -17.79 -25.55
N PRO A 10 -20.76 -18.75 -24.85
CA PRO A 10 -22.06 -18.53 -24.22
C PRO A 10 -21.94 -17.55 -23.08
N GLU A 11 -23.04 -16.92 -22.68
CA GLU A 11 -23.04 -16.00 -21.55
C GLU A 11 -22.40 -16.63 -20.32
N GLY A 12 -21.66 -15.82 -19.57
CA GLY A 12 -21.07 -16.25 -18.31
C GLY A 12 -19.99 -17.30 -18.42
N ALA A 13 -19.08 -17.13 -19.38
CA ALA A 13 -17.96 -18.04 -19.53
C ALA A 13 -16.67 -17.44 -18.98
N PHE A 14 -15.76 -18.29 -18.53
CA PHE A 14 -14.46 -17.84 -18.03
C PHE A 14 -13.54 -17.45 -19.18
N VAL A 15 -12.84 -16.33 -19.03
CA VAL A 15 -11.97 -15.82 -20.08
C VAL A 15 -10.49 -16.06 -19.77
N GLY A 16 -9.72 -16.31 -20.81
CA GLY A 16 -8.28 -16.43 -20.70
C GLY A 16 -7.61 -15.58 -21.76
N PHE A 17 -6.91 -14.55 -21.31
CA PHE A 17 -6.28 -13.60 -22.23
C PHE A 17 -4.77 -13.62 -22.10
N VAL A 18 -4.07 -13.24 -23.17
CA VAL A 18 -2.63 -13.11 -23.13
C VAL A 18 -2.24 -11.69 -23.51
N LEU A 19 -1.46 -11.03 -22.64
CA LEU A 19 -0.99 -9.68 -22.90
C LEU A 19 0.49 -9.68 -23.29
N SER A 20 0.92 -8.63 -23.97
CA SER A 20 2.32 -8.50 -24.38
C SER A 20 3.20 -8.12 -23.19
N ARG A 21 2.60 -7.55 -22.17
CA ARG A 21 3.31 -7.12 -20.96
C ARG A 21 2.33 -6.99 -19.81
N LYS A 22 2.86 -6.98 -18.59
CA LYS A 22 2.02 -7.03 -17.39
C LYS A 22 1.06 -5.85 -17.23
N GLU A 23 1.51 -4.65 -17.59
CA GLU A 23 0.67 -3.45 -17.45
C GLU A 23 -0.44 -3.42 -18.50
N PRO A 24 -1.69 -3.61 -18.06
CA PRO A 24 -2.85 -3.62 -18.96
C PRO A 24 -3.01 -2.32 -19.75
N MET A 25 -2.59 -1.20 -19.16
CA MET A 25 -2.74 0.10 -19.81
C MET A 25 -1.72 0.30 -20.92
N TRP A 26 -0.64 -0.49 -20.89
CA TRP A 26 0.42 -0.39 -21.89
C TRP A 26 0.48 -1.61 -22.81
N ALA A 27 -0.34 -2.61 -22.52
CA ALA A 27 -0.22 -3.91 -23.15
C ALA A 27 -0.98 -4.04 -24.48
N ASP A 28 -0.39 -4.81 -25.37
CA ASP A 28 -1.06 -5.27 -26.58
C ASP A 28 -1.75 -6.59 -26.25
N LEU A 29 -3.02 -6.70 -26.64
CA LEU A 29 -3.79 -7.91 -26.41
C LEU A 29 -3.49 -8.95 -27.49
N LEU A 30 -2.87 -10.05 -27.11
CA LEU A 30 -2.37 -11.03 -28.07
C LEU A 30 -3.38 -12.13 -28.40
N ALA A 31 -4.10 -12.60 -27.39
CA ALA A 31 -5.08 -13.66 -27.60
C ALA A 31 -6.22 -13.59 -26.59
N LEU A 32 -7.38 -14.07 -27.01
CA LEU A 32 -8.58 -14.05 -26.18
C LEU A 32 -9.35 -15.35 -26.35
N ALA A 33 -9.77 -15.94 -25.24
CA ALA A 33 -10.50 -17.20 -25.27
C ALA A 33 -11.49 -17.31 -24.11
N ALA A 34 -12.42 -18.24 -24.21
CA ALA A 34 -13.43 -18.42 -23.17
C ALA A 34 -13.79 -19.89 -22.96
N ALA A 35 -14.25 -20.21 -21.77
CA ALA A 35 -14.57 -21.58 -21.41
C ALA A 35 -15.85 -21.66 -20.58
N ARG A 36 -16.80 -22.47 -21.05
CA ARG A 36 -18.08 -22.65 -20.37
C ARG A 36 -18.57 -24.06 -20.64
N GLY A 37 -19.06 -24.73 -19.61
CA GLY A 37 -19.44 -26.12 -19.73
C GLY A 37 -18.26 -26.93 -20.27
N GLY A 38 -17.11 -26.79 -19.62
CA GLY A 38 -15.92 -27.51 -20.01
C GLY A 38 -15.61 -27.43 -21.50
N ARG A 39 -15.76 -26.25 -22.07
CA ARG A 39 -15.57 -26.07 -23.50
C ARG A 39 -14.84 -24.77 -23.80
N VAL A 40 -13.88 -24.81 -24.73
CA VAL A 40 -13.04 -23.66 -25.02
C VAL A 40 -13.30 -23.02 -26.37
N HIS A 41 -13.49 -21.70 -26.38
CA HIS A 41 -13.63 -20.93 -27.61
C HIS A 41 -12.45 -19.98 -27.76
N ARG A 42 -11.89 -19.90 -28.96
CA ARG A 42 -10.81 -18.96 -29.22
C ARG A 42 -11.22 -17.91 -30.25
N ALA A 43 -10.98 -16.64 -29.90
CA ALA A 43 -11.38 -15.52 -30.74
C ALA A 43 -10.44 -15.33 -31.92
N PRO A 44 -11.01 -15.14 -33.13
CA PRO A 44 -10.21 -14.89 -34.34
C PRO A 44 -9.41 -13.60 -34.20
N GLU A 45 -10.04 -12.52 -33.79
CA GLU A 45 -9.35 -11.26 -33.50
C GLU A 45 -9.74 -10.76 -32.11
N PRO A 46 -8.77 -10.74 -31.18
CA PRO A 46 -9.02 -10.42 -29.77
C PRO A 46 -9.68 -9.07 -29.53
N TYR A 47 -9.19 -8.01 -30.17
CA TYR A 47 -9.75 -6.68 -29.97
C TYR A 47 -11.21 -6.60 -30.40
N LYS A 48 -11.50 -7.10 -31.58
CA LYS A 48 -12.86 -7.17 -32.08
C LYS A 48 -13.72 -8.06 -31.17
N ALA A 49 -13.18 -9.23 -30.85
CA ALA A 49 -13.88 -10.19 -30.00
C ALA A 49 -14.11 -9.68 -28.58
N LEU A 50 -13.40 -8.62 -28.20
CA LEU A 50 -13.50 -8.08 -26.85
C LEU A 50 -14.88 -7.46 -26.61
N ARG A 51 -15.47 -6.92 -27.68
CA ARG A 51 -16.77 -6.28 -27.59
C ARG A 51 -17.91 -7.29 -27.37
N ASP A 52 -17.59 -8.56 -27.56
CA ASP A 52 -18.58 -9.62 -27.35
C ASP A 52 -18.96 -9.74 -25.88
N LEU A 53 -17.96 -9.67 -25.02
CA LEU A 53 -18.13 -9.96 -23.61
C LEU A 53 -19.04 -8.98 -22.88
N LYS A 54 -19.72 -9.47 -21.85
CA LYS A 54 -20.58 -8.65 -21.02
C LYS A 54 -19.87 -8.31 -19.70
N GLU A 55 -19.06 -9.25 -19.23
CA GLU A 55 -18.27 -9.06 -18.01
C GLU A 55 -17.04 -9.96 -18.06
N ALA A 56 -15.96 -9.52 -17.41
CA ALA A 56 -14.73 -10.30 -17.38
C ALA A 56 -14.66 -11.20 -16.14
N ARG A 57 -14.87 -12.49 -16.34
CA ARG A 57 -14.73 -13.47 -15.26
C ARG A 57 -13.54 -14.39 -15.54
N GLY A 58 -12.59 -14.44 -14.62
CA GLY A 58 -11.43 -15.28 -14.76
C GLY A 58 -10.22 -14.78 -14.01
N LEU A 59 -9.11 -15.52 -14.11
CA LEU A 59 -7.85 -15.12 -13.50
C LEU A 59 -7.41 -13.76 -14.02
N LEU A 60 -7.20 -12.82 -13.11
CA LEU A 60 -6.73 -11.47 -13.47
C LEU A 60 -7.77 -10.67 -14.26
N ALA A 61 -9.04 -10.83 -13.89
CA ALA A 61 -10.13 -10.14 -14.57
C ALA A 61 -9.94 -8.63 -14.67
N LYS A 62 -9.59 -8.00 -13.55
CA LYS A 62 -9.39 -6.55 -13.47
C LYS A 62 -8.49 -6.01 -14.58
N ASP A 63 -7.40 -6.72 -14.86
CA ASP A 63 -6.46 -6.33 -15.90
C ASP A 63 -7.15 -6.26 -17.26
N LEU A 64 -7.95 -7.27 -17.58
CA LEU A 64 -8.66 -7.30 -18.86
C LEU A 64 -9.72 -6.20 -18.90
N SER A 65 -10.29 -5.89 -17.74
CA SER A 65 -11.27 -4.83 -17.63
C SER A 65 -10.63 -3.45 -17.80
N VAL A 66 -9.42 -3.30 -17.25
CA VAL A 66 -8.67 -2.06 -17.39
C VAL A 66 -8.38 -1.76 -18.85
N LEU A 67 -7.93 -2.79 -19.57
CA LEU A 67 -7.60 -2.64 -20.99
C LEU A 67 -8.84 -2.34 -21.82
N ALA A 68 -9.97 -2.92 -21.43
CA ALA A 68 -11.23 -2.67 -22.12
C ALA A 68 -11.64 -1.20 -21.97
N LEU A 69 -11.51 -0.66 -20.77
CA LEU A 69 -11.85 0.74 -20.51
C LEU A 69 -10.94 1.65 -21.31
N ARG A 70 -9.70 1.20 -21.51
CA ARG A 70 -8.73 1.95 -22.28
C ARG A 70 -9.23 2.10 -23.71
N GLU A 71 -9.99 1.12 -24.17
CA GLU A 71 -10.53 1.11 -25.52
C GLU A 71 -11.99 1.58 -25.57
N GLY A 72 -12.45 2.22 -24.50
CA GLY A 72 -13.79 2.76 -24.47
C GLY A 72 -14.91 1.77 -24.20
N LEU A 73 -14.55 0.52 -23.95
CA LEU A 73 -15.55 -0.52 -23.65
C LEU A 73 -15.78 -0.63 -22.15
N GLY A 74 -17.05 -0.63 -21.74
CA GLY A 74 -17.40 -0.74 -20.34
C GLY A 74 -17.59 -2.17 -19.89
N LEU A 75 -16.49 -2.93 -19.89
CA LEU A 75 -16.49 -4.33 -19.48
C LEU A 75 -16.03 -4.45 -18.03
N PRO A 76 -16.96 -4.70 -17.11
CA PRO A 76 -16.63 -4.78 -15.68
C PRO A 76 -16.08 -6.15 -15.28
N PRO A 77 -15.14 -6.17 -14.32
CA PRO A 77 -14.60 -7.44 -13.82
C PRO A 77 -15.55 -8.10 -12.84
N GLY A 78 -15.67 -9.43 -12.92
CA GLY A 78 -16.50 -10.18 -11.99
C GLY A 78 -15.67 -11.19 -11.23
N ASP A 79 -16.17 -12.42 -11.15
CA ASP A 79 -15.48 -13.48 -10.43
C ASP A 79 -14.02 -13.62 -10.85
N ASP A 80 -13.13 -13.73 -9.86
CA ASP A 80 -11.76 -14.10 -10.11
C ASP A 80 -11.28 -15.08 -9.06
N PRO A 81 -10.92 -16.30 -9.49
CA PRO A 81 -10.41 -17.32 -8.58
C PRO A 81 -9.25 -16.80 -7.74
N MET A 82 -8.46 -15.89 -8.30
CA MET A 82 -7.36 -15.26 -7.56
C MET A 82 -7.85 -14.64 -6.27
N LEU A 83 -9.01 -13.99 -6.32
CA LEU A 83 -9.60 -13.36 -5.15
C LEU A 83 -10.05 -14.39 -4.13
N LEU A 84 -10.43 -15.58 -4.61
CA LEU A 84 -10.86 -16.65 -3.71
C LEU A 84 -9.63 -17.26 -3.04
N ALA A 85 -8.65 -17.60 -3.85
CA ALA A 85 -7.39 -18.14 -3.34
C ALA A 85 -6.79 -17.20 -2.31
N TYR A 86 -6.83 -15.90 -2.60
CA TYR A 86 -6.26 -14.88 -1.72
C TYR A 86 -6.97 -14.81 -0.36
N LEU A 87 -8.27 -15.09 -0.36
CA LEU A 87 -9.06 -15.08 0.86
C LEU A 87 -8.85 -16.36 1.68
N LEU A 88 -8.66 -17.48 0.98
CA LEU A 88 -8.30 -18.72 1.64
C LEU A 88 -6.96 -18.58 2.35
N ASP A 89 -5.99 -18.02 1.64
CA ASP A 89 -4.63 -17.89 2.15
C ASP A 89 -3.94 -16.75 1.40
N PRO A 90 -3.67 -15.64 2.09
CA PRO A 90 -3.11 -14.45 1.44
C PRO A 90 -1.72 -14.67 0.86
N SER A 91 -1.18 -15.87 1.02
CA SER A 91 0.09 -16.20 0.39
C SER A 91 -0.15 -16.63 -1.06
N ASN A 92 -1.41 -16.77 -1.42
CA ASN A 92 -1.79 -17.02 -2.81
C ASN A 92 -1.81 -15.71 -3.59
N THR A 93 -0.63 -15.26 -4.04
CA THR A 93 -0.48 -13.97 -4.69
C THR A 93 -0.46 -14.04 -6.22
N THR A 94 0.03 -15.14 -6.77
CA THR A 94 0.19 -15.26 -8.22
C THR A 94 -0.53 -16.49 -8.78
N PRO A 95 -0.90 -16.43 -10.07
CA PRO A 95 -1.53 -17.57 -10.75
C PRO A 95 -0.59 -18.76 -10.91
N GLU A 96 0.68 -18.49 -11.18
CA GLU A 96 1.68 -19.56 -11.21
C GLU A 96 1.61 -20.37 -9.92
N GLY A 97 1.63 -19.67 -8.79
CA GLY A 97 1.56 -20.32 -7.49
C GLY A 97 0.22 -20.96 -7.21
N VAL A 98 -0.86 -20.29 -7.60
CA VAL A 98 -2.20 -20.76 -7.30
C VAL A 98 -2.60 -21.98 -8.12
N ALA A 99 -2.45 -21.90 -9.43
CA ALA A 99 -2.80 -23.01 -10.31
C ALA A 99 -2.12 -24.28 -9.83
N ARG A 100 -0.82 -24.19 -9.60
CA ARG A 100 -0.05 -25.32 -9.12
C ARG A 100 -0.69 -25.93 -7.87
N ARG A 101 -1.11 -25.06 -6.95
CA ARG A 101 -1.63 -25.48 -5.66
C ARG A 101 -3.01 -26.14 -5.75
N TYR A 102 -3.80 -25.75 -6.74
CA TYR A 102 -5.19 -26.24 -6.81
C TYR A 102 -5.52 -26.96 -8.12
N GLY A 103 -4.52 -27.58 -8.74
CA GLY A 103 -4.75 -28.51 -9.83
C GLY A 103 -4.76 -27.95 -11.24
N GLY A 104 -3.79 -27.11 -11.56
CA GLY A 104 -3.68 -26.55 -12.89
C GLY A 104 -2.27 -26.15 -13.25
N GLU A 105 -2.11 -25.55 -14.42
CA GLU A 105 -0.81 -25.12 -14.89
C GLU A 105 -0.92 -23.79 -15.62
N TRP A 106 -0.35 -22.74 -15.04
CA TRP A 106 -0.41 -21.41 -15.63
C TRP A 106 0.36 -21.35 -16.93
N THR A 107 -0.38 -21.19 -18.04
CA THR A 107 0.20 -21.27 -19.38
C THR A 107 0.39 -19.90 -20.02
N GLU A 108 0.76 -19.92 -21.29
CA GLU A 108 0.94 -18.69 -22.06
C GLU A 108 -0.08 -18.63 -23.20
N GLU A 109 -0.97 -19.62 -23.22
CA GLU A 109 -2.02 -19.66 -24.23
C GLU A 109 -3.35 -19.22 -23.61
N ALA A 110 -4.17 -18.55 -24.40
CA ALA A 110 -5.42 -17.95 -23.91
C ALA A 110 -6.46 -18.98 -23.49
N GLY A 111 -6.57 -20.07 -24.25
CA GLY A 111 -7.54 -21.11 -23.96
C GLY A 111 -7.21 -21.86 -22.69
N GLU A 112 -5.97 -22.34 -22.60
CA GLU A 112 -5.50 -23.04 -21.42
C GLU A 112 -5.68 -22.19 -20.17
N ARG A 113 -5.48 -20.89 -20.30
CA ARG A 113 -5.73 -19.96 -19.21
C ARG A 113 -7.23 -19.87 -18.91
N ALA A 114 -8.04 -19.87 -19.96
CA ALA A 114 -9.49 -19.84 -19.79
C ALA A 114 -9.99 -21.09 -19.07
N ALA A 115 -9.44 -22.25 -19.44
CA ALA A 115 -9.82 -23.51 -18.83
C ALA A 115 -9.25 -23.62 -17.42
N LEU A 116 -8.05 -23.10 -17.22
CA LEU A 116 -7.44 -23.06 -15.90
C LEU A 116 -8.34 -22.24 -14.99
N SER A 117 -8.83 -21.13 -15.52
CA SER A 117 -9.73 -20.23 -14.78
C SER A 117 -11.05 -20.89 -14.45
N GLU A 118 -11.47 -21.83 -15.28
CA GLU A 118 -12.75 -22.53 -15.10
C GLU A 118 -12.69 -23.53 -13.96
N ARG A 119 -11.73 -24.44 -14.04
CA ARG A 119 -11.57 -25.51 -13.06
C ARG A 119 -11.02 -24.98 -11.74
N LEU A 120 -10.19 -23.94 -11.82
CA LEU A 120 -9.58 -23.37 -10.64
C LEU A 120 -10.62 -22.65 -9.78
N PHE A 121 -11.69 -22.18 -10.43
CA PHE A 121 -12.78 -21.50 -9.72
C PHE A 121 -13.69 -22.50 -9.03
N ALA A 122 -13.87 -23.67 -9.67
CA ALA A 122 -14.67 -24.74 -9.10
C ALA A 122 -14.04 -25.24 -7.80
N ASN A 123 -12.79 -25.69 -7.92
CA ASN A 123 -12.03 -26.19 -6.76
C ASN A 123 -12.06 -25.23 -5.58
N LEU A 124 -11.86 -23.94 -5.85
CA LEU A 124 -11.72 -22.94 -4.80
C LEU A 124 -13.04 -22.50 -4.16
N TRP A 125 -14.04 -22.25 -4.99
CA TRP A 125 -15.35 -21.81 -4.49
C TRP A 125 -15.97 -22.84 -3.54
N GLY A 126 -15.63 -24.11 -3.75
CA GLY A 126 -16.11 -25.17 -2.89
C GLY A 126 -15.36 -25.15 -1.56
N ARG A 127 -14.07 -24.86 -1.62
CA ARG A 127 -13.28 -24.72 -0.41
C ARG A 127 -13.81 -23.58 0.44
N LEU A 128 -14.50 -22.64 -0.19
CA LEU A 128 -15.02 -21.47 0.51
C LEU A 128 -16.40 -21.70 1.13
N GLU A 129 -17.14 -22.66 0.60
CA GLU A 129 -18.43 -23.00 1.19
C GLU A 129 -18.19 -23.51 2.60
N GLY A 130 -18.94 -22.98 3.56
CA GLY A 130 -18.72 -23.29 4.96
C GLY A 130 -17.87 -22.22 5.61
N GLU A 131 -17.51 -21.21 4.82
CA GLU A 131 -16.73 -20.09 5.33
C GLU A 131 -17.53 -18.79 5.20
N GLU A 132 -18.61 -18.71 5.96
CA GLU A 132 -19.51 -17.56 5.97
C GLU A 132 -18.81 -16.22 5.80
N ARG A 133 -17.86 -15.93 6.68
CA ARG A 133 -17.25 -14.60 6.74
C ARG A 133 -16.30 -14.29 5.59
N LEU A 134 -15.61 -15.30 5.07
CA LEU A 134 -14.75 -15.11 3.91
C LEU A 134 -15.60 -14.86 2.66
N LEU A 135 -16.79 -15.45 2.62
CA LEU A 135 -17.72 -15.23 1.53
C LEU A 135 -18.29 -13.82 1.56
N TRP A 136 -18.52 -13.31 2.76
CA TRP A 136 -19.00 -11.94 2.92
C TRP A 136 -17.93 -10.95 2.43
N LEU A 137 -16.67 -11.25 2.72
CA LEU A 137 -15.59 -10.40 2.23
C LEU A 137 -15.49 -10.45 0.71
N TYR A 138 -15.60 -11.65 0.15
CA TYR A 138 -15.52 -11.83 -1.30
C TYR A 138 -16.63 -11.07 -2.02
N ARG A 139 -17.85 -11.17 -1.50
CA ARG A 139 -19.02 -10.57 -2.16
C ARG A 139 -19.19 -9.08 -1.89
N GLU A 140 -18.88 -8.65 -0.67
CA GLU A 140 -19.21 -7.30 -0.24
C GLU A 140 -18.04 -6.34 -0.30
N VAL A 141 -16.83 -6.87 -0.45
CA VAL A 141 -15.65 -6.02 -0.52
C VAL A 141 -14.80 -6.29 -1.76
N GLU A 142 -14.24 -7.49 -1.86
CA GLU A 142 -13.26 -7.80 -2.89
C GLU A 142 -13.80 -7.77 -4.32
N ARG A 143 -14.82 -8.57 -4.60
CA ARG A 143 -15.39 -8.62 -5.96
C ARG A 143 -15.80 -7.22 -6.42
N PRO A 144 -16.68 -6.56 -5.66
CA PRO A 144 -17.02 -5.18 -6.04
C PRO A 144 -15.79 -4.26 -6.14
N LEU A 145 -14.88 -4.33 -5.17
CA LEU A 145 -13.68 -3.49 -5.17
C LEU A 145 -12.88 -3.61 -6.46
N SER A 146 -12.82 -4.81 -7.01
CA SER A 146 -12.02 -5.05 -8.21
C SER A 146 -12.47 -4.12 -9.33
N ALA A 147 -13.78 -3.88 -9.40
CA ALA A 147 -14.35 -2.97 -10.39
C ALA A 147 -13.93 -1.53 -10.14
N VAL A 148 -13.99 -1.11 -8.88
CA VAL A 148 -13.61 0.25 -8.51
C VAL A 148 -12.16 0.52 -8.89
N LEU A 149 -11.29 -0.45 -8.60
CA LEU A 149 -9.86 -0.32 -8.90
C LEU A 149 -9.60 -0.22 -10.40
N ALA A 150 -10.36 -0.98 -11.19
CA ALA A 150 -10.21 -0.95 -12.64
C ALA A 150 -10.52 0.44 -13.18
N HIS A 151 -11.46 1.14 -12.55
CA HIS A 151 -11.79 2.50 -12.95
C HIS A 151 -10.71 3.51 -12.53
N MET A 152 -10.07 3.27 -11.39
CA MET A 152 -8.98 4.14 -10.96
C MET A 152 -7.78 3.98 -11.88
N GLU A 153 -7.42 2.72 -12.16
CA GLU A 153 -6.30 2.45 -13.06
C GLU A 153 -6.51 3.07 -14.43
N ALA A 154 -7.74 2.98 -14.94
CA ALA A 154 -8.05 3.49 -16.27
C ALA A 154 -8.02 5.01 -16.33
N THR A 155 -8.44 5.65 -15.25
CA THR A 155 -8.50 7.11 -15.17
C THR A 155 -7.11 7.73 -15.07
N GLY A 156 -6.32 7.23 -14.13
CA GLY A 156 -4.99 7.76 -13.90
C GLY A 156 -5.02 9.13 -13.26
N VAL A 157 -3.85 9.72 -13.06
CA VAL A 157 -3.74 11.03 -12.44
C VAL A 157 -2.91 11.94 -13.34
N ARG A 158 -3.17 13.24 -13.27
CA ARG A 158 -2.48 14.18 -14.13
C ARG A 158 -1.18 14.65 -13.50
N LEU A 159 -0.14 14.80 -14.33
CA LEU A 159 1.18 15.14 -13.86
C LEU A 159 1.68 16.41 -14.54
N ASP A 160 2.33 17.29 -13.78
CA ASP A 160 2.92 18.50 -14.34
C ASP A 160 4.33 18.23 -14.85
N VAL A 161 4.41 17.75 -16.09
CA VAL A 161 5.68 17.33 -16.67
C VAL A 161 6.74 18.43 -16.71
N ALA A 162 6.39 19.58 -17.29
CA ALA A 162 7.35 20.67 -17.41
C ALA A 162 7.91 21.06 -16.06
N TYR A 163 7.07 21.04 -15.03
CA TYR A 163 7.49 21.36 -13.68
C TYR A 163 8.56 20.40 -13.17
N LEU A 164 8.35 19.10 -13.39
CA LEU A 164 9.31 18.09 -12.97
C LEU A 164 10.60 18.19 -13.79
N ARG A 165 10.43 18.49 -15.08
CA ARG A 165 11.57 18.61 -15.98
C ARG A 165 12.50 19.74 -15.54
N ALA A 166 11.91 20.82 -15.04
CA ALA A 166 12.70 21.95 -14.57
C ALA A 166 13.28 21.66 -13.19
N LEU A 167 12.51 20.91 -12.40
CA LEU A 167 12.94 20.55 -11.06
C LEU A 167 14.12 19.58 -11.14
N SER A 168 14.17 18.78 -12.21
CA SER A 168 15.27 17.84 -12.42
C SER A 168 16.58 18.58 -12.62
N LEU A 169 16.56 19.64 -13.41
CA LEU A 169 17.77 20.40 -13.69
C LEU A 169 18.30 21.08 -12.44
N GLU A 170 17.39 21.60 -11.61
N GLU A 170 17.41 21.62 -11.63
CA GLU A 170 17.78 22.27 -10.37
CA GLU A 170 17.81 22.24 -10.37
C GLU A 170 18.33 21.28 -9.34
C GLU A 170 18.43 21.19 -9.46
N VAL A 171 17.68 20.13 -9.20
CA VAL A 171 18.12 19.09 -8.29
C VAL A 171 19.45 18.50 -8.76
N ALA A 172 19.68 18.51 -10.06
CA ALA A 172 20.93 18.02 -10.62
C ALA A 172 22.11 18.91 -10.23
N GLU A 173 21.87 20.21 -10.17
CA GLU A 173 22.93 21.16 -9.83
C GLU A 173 23.35 21.04 -8.36
N GLU A 174 22.38 20.87 -7.47
CA GLU A 174 22.68 20.69 -6.06
C GLU A 174 23.37 19.33 -5.81
N ILE A 175 23.05 18.33 -6.62
CA ILE A 175 23.69 17.03 -6.50
C ILE A 175 25.16 17.12 -6.90
N ALA A 176 25.44 17.82 -7.98
CA ALA A 176 26.81 18.04 -8.42
C ALA A 176 27.58 18.80 -7.36
N ARG A 177 26.86 19.63 -6.61
CA ARG A 177 27.46 20.46 -5.57
C ARG A 177 27.91 19.61 -4.37
N LEU A 178 26.98 18.83 -3.83
CA LEU A 178 27.30 17.94 -2.71
C LEU A 178 28.37 16.93 -3.07
N GLU A 179 28.33 16.45 -4.31
CA GLU A 179 29.29 15.45 -4.78
C GLU A 179 30.71 16.03 -4.77
N ALA A 180 30.85 17.26 -5.26
CA ALA A 180 32.15 17.93 -5.30
C ALA A 180 32.69 18.14 -3.89
N GLU A 181 31.81 18.49 -2.97
CA GLU A 181 32.21 18.71 -1.58
C GLU A 181 32.60 17.40 -0.91
N VAL A 182 31.80 16.36 -1.14
CA VAL A 182 32.11 15.04 -0.59
C VAL A 182 33.47 14.56 -1.08
N PHE A 183 33.69 14.64 -2.38
CA PHE A 183 34.98 14.26 -2.96
C PHE A 183 36.11 15.00 -2.28
N ARG A 184 35.94 16.31 -2.09
CA ARG A 184 36.96 17.13 -1.46
C ARG A 184 37.27 16.63 -0.05
N LEU A 185 36.23 16.51 0.76
CA LEU A 185 36.36 16.00 2.12
C LEU A 185 36.89 14.58 2.17
N ALA A 186 36.99 13.94 1.01
CA ALA A 186 37.49 12.57 0.92
C ALA A 186 38.84 12.51 0.19
N GLY A 187 39.30 13.65 -0.29
CA GLY A 187 40.59 13.74 -0.94
C GLY A 187 40.68 13.10 -2.32
N HIS A 188 39.58 12.51 -2.77
CA HIS A 188 39.56 11.87 -4.07
C HIS A 188 38.14 11.48 -4.47
N PRO A 189 37.92 11.31 -5.78
CA PRO A 189 36.59 10.93 -6.29
C PRO A 189 36.36 9.42 -6.30
N PHE A 190 35.10 9.04 -6.08
CA PHE A 190 34.67 7.65 -6.17
C PHE A 190 33.20 7.66 -6.56
N ASN A 191 32.62 6.50 -6.84
CA ASN A 191 31.19 6.40 -7.09
C ASN A 191 30.44 6.51 -5.78
N LEU A 192 29.88 7.69 -5.52
CA LEU A 192 29.14 7.95 -4.29
C LEU A 192 27.84 7.15 -4.23
N ASN A 193 27.39 6.64 -5.38
CA ASN A 193 26.22 5.78 -5.43
C ASN A 193 26.57 4.33 -5.13
N SER A 194 27.86 4.03 -5.15
CA SER A 194 28.33 2.69 -4.80
C SER A 194 28.47 2.56 -3.29
N ARG A 195 27.65 1.69 -2.73
CA ARG A 195 27.60 1.46 -1.31
C ARG A 195 28.91 0.86 -0.81
N ASP A 196 29.52 0.01 -1.65
CA ASP A 196 30.77 -0.66 -1.31
C ASP A 196 31.95 0.32 -1.28
N GLN A 197 32.03 1.17 -2.28
CA GLN A 197 33.11 2.15 -2.37
C GLN A 197 32.99 3.15 -1.22
N LEU A 198 31.75 3.51 -0.89
CA LEU A 198 31.50 4.43 0.21
C LEU A 198 31.96 3.84 1.54
N GLU A 199 31.72 2.54 1.73
CA GLU A 199 32.11 1.85 2.95
C GLU A 199 33.63 1.91 3.17
N ARG A 200 34.38 1.64 2.11
CA ARG A 200 35.84 1.67 2.17
C ARG A 200 36.34 3.06 2.52
N VAL A 201 35.62 4.08 2.06
CA VAL A 201 36.01 5.47 2.30
C VAL A 201 35.70 5.92 3.72
N LEU A 202 34.49 5.60 4.18
CA LEU A 202 34.06 6.03 5.51
C LEU A 202 34.83 5.33 6.63
N PHE A 203 35.00 4.02 6.50
CA PHE A 203 35.53 3.21 7.59
C PHE A 203 37.01 2.85 7.43
N ASP A 204 37.47 2.73 6.19
CA ASP A 204 38.86 2.36 5.93
C ASP A 204 39.77 3.57 5.67
N GLU A 205 39.43 4.36 4.64
CA GLU A 205 40.27 5.50 4.28
C GLU A 205 40.17 6.64 5.29
N LEU A 206 38.96 7.13 5.54
CA LEU A 206 38.71 7.91 6.73
C LEU A 206 38.87 6.92 7.88
N GLY A 207 38.76 7.37 9.12
CA GLY A 207 38.96 6.48 10.24
C GLY A 207 37.69 6.11 10.96
N LEU A 208 36.56 6.54 10.41
CA LEU A 208 35.27 6.45 11.09
C LEU A 208 34.96 5.05 11.66
N PRO A 209 34.26 5.02 12.81
CA PRO A 209 33.86 3.79 13.48
C PRO A 209 32.68 3.12 12.78
N ALA A 210 32.78 1.81 12.56
CA ALA A 210 31.71 1.04 11.95
C ALA A 210 30.70 0.62 13.01
N ILE A 211 29.45 1.04 12.85
CA ILE A 211 28.45 0.80 13.88
C ILE A 211 27.74 -0.55 13.74
N GLY A 212 27.36 -0.89 12.51
CA GLY A 212 26.60 -2.10 12.28
C GLY A 212 26.96 -2.84 11.01
N LYS A 213 26.44 -4.05 10.88
CA LYS A 213 26.70 -4.91 9.73
C LYS A 213 25.41 -5.15 8.93
N THR A 214 25.57 -5.48 7.65
CA THR A 214 24.41 -5.78 6.81
C THR A 214 23.97 -7.24 6.97
N GLU A 215 22.68 -7.48 6.78
CA GLU A 215 22.06 -8.77 7.07
C GLU A 215 22.68 -9.99 6.35
N LYS A 216 22.72 -9.92 5.01
CA LYS A 216 23.10 -11.08 4.21
C LYS A 216 24.61 -11.34 4.08
N THR A 217 25.38 -10.28 3.87
CA THR A 217 26.78 -10.42 3.50
C THR A 217 27.77 -10.01 4.58
N GLY A 218 27.28 -9.34 5.61
CA GLY A 218 28.12 -8.98 6.75
C GLY A 218 29.04 -7.81 6.47
N LYS A 219 28.72 -7.02 5.45
CA LYS A 219 29.47 -5.81 5.20
C LYS A 219 29.13 -4.77 6.26
N ARG A 220 30.02 -3.80 6.45
CA ARG A 220 29.73 -2.70 7.35
C ARG A 220 28.69 -1.79 6.71
N SER A 221 27.58 -1.61 7.42
CA SER A 221 26.46 -0.84 6.90
C SER A 221 26.76 0.65 6.78
N THR A 222 26.25 1.27 5.71
CA THR A 222 26.33 2.72 5.55
C THR A 222 24.92 3.29 5.51
N SER A 223 23.98 2.60 6.13
CA SER A 223 22.58 2.99 6.11
C SER A 223 22.36 4.33 6.78
N ALA A 224 21.21 4.93 6.52
CA ALA A 224 20.83 6.20 7.11
C ALA A 224 20.94 6.11 8.63
N ALA A 225 20.42 5.03 9.20
CA ALA A 225 20.46 4.84 10.64
C ALA A 225 21.89 4.90 11.19
N VAL A 226 22.82 4.33 10.44
CA VAL A 226 24.23 4.33 10.84
C VAL A 226 24.86 5.71 10.71
N LEU A 227 24.46 6.44 9.67
CA LEU A 227 25.03 7.75 9.39
C LEU A 227 24.55 8.83 10.37
N GLU A 228 23.24 8.85 10.63
CA GLU A 228 22.68 9.83 11.55
C GLU A 228 23.37 9.72 12.90
N ALA A 229 23.78 8.50 13.25
CA ALA A 229 24.53 8.27 14.47
C ALA A 229 25.93 8.88 14.36
N LEU A 230 26.56 8.73 13.20
CA LEU A 230 27.89 9.29 12.96
C LEU A 230 27.82 10.74 12.50
N ARG A 231 26.65 11.36 12.67
CA ARG A 231 26.40 12.69 12.12
C ARG A 231 27.40 13.76 12.57
N GLU A 232 27.82 13.71 13.83
CA GLU A 232 28.74 14.70 14.37
C GLU A 232 30.16 14.17 14.46
N ALA A 233 30.34 12.89 14.16
CA ALA A 233 31.65 12.26 14.19
C ALA A 233 32.49 12.64 12.98
N HIS A 234 31.86 13.28 11.99
CA HIS A 234 32.55 13.80 10.83
C HIS A 234 31.61 14.62 9.94
N PRO A 235 32.11 15.75 9.41
CA PRO A 235 31.31 16.62 8.53
C PRO A 235 30.84 15.94 7.25
N ILE A 236 31.60 14.97 6.74
CA ILE A 236 31.30 14.36 5.45
C ILE A 236 29.98 13.58 5.45
N VAL A 237 29.59 13.04 6.61
CA VAL A 237 28.41 12.18 6.65
C VAL A 237 27.12 12.98 6.47
N GLU A 238 27.12 14.24 6.89
CA GLU A 238 25.96 15.09 6.71
C GLU A 238 25.76 15.43 5.23
N LYS A 239 26.87 15.66 4.53
CA LYS A 239 26.80 15.92 3.10
C LYS A 239 26.29 14.67 2.38
N ILE A 240 26.59 13.51 2.95
CA ILE A 240 26.21 12.24 2.34
C ILE A 240 24.74 11.91 2.54
N LEU A 241 24.21 12.23 3.72
CA LEU A 241 22.78 12.04 3.99
C LEU A 241 21.94 12.89 3.05
N GLN A 242 22.44 14.10 2.76
CA GLN A 242 21.75 15.03 1.87
C GLN A 242 21.85 14.57 0.41
N TYR A 243 23.01 14.04 0.03
CA TYR A 243 23.21 13.50 -1.30
C TYR A 243 22.32 12.26 -1.52
N ARG A 244 22.15 11.45 -0.47
CA ARG A 244 21.29 10.27 -0.55
C ARG A 244 19.85 10.67 -0.82
N GLU A 245 19.36 11.62 -0.04
CA GLU A 245 18.00 12.13 -0.18
C GLU A 245 17.74 12.59 -1.61
N LEU A 246 18.63 13.43 -2.14
CA LEU A 246 18.44 14.02 -3.46
C LEU A 246 18.48 13.00 -4.60
N THR A 247 19.45 12.11 -4.55
CA THR A 247 19.62 11.09 -5.59
C THR A 247 18.51 10.05 -5.51
N LYS A 248 18.04 9.78 -4.29
CA LYS A 248 16.92 8.87 -4.10
C LYS A 248 15.69 9.42 -4.82
N LEU A 249 15.40 10.70 -4.56
CA LEU A 249 14.21 11.34 -5.11
C LEU A 249 14.33 11.65 -6.60
N LYS A 250 15.54 11.97 -7.07
CA LYS A 250 15.72 12.24 -8.49
C LYS A 250 15.59 10.97 -9.33
N SER A 251 16.29 9.91 -8.94
CA SER A 251 16.28 8.67 -9.72
C SER A 251 14.98 7.85 -9.58
N THR A 252 14.28 8.01 -8.46
CA THR A 252 13.06 7.24 -8.22
C THR A 252 11.79 7.94 -8.71
N TYR A 253 11.72 9.26 -8.55
CA TYR A 253 10.49 9.99 -8.88
C TYR A 253 10.67 11.06 -9.96
N ILE A 254 11.52 12.03 -9.68
CA ILE A 254 11.66 13.21 -10.54
C ILE A 254 11.97 12.86 -12.00
N ASP A 255 12.83 11.87 -12.22
CA ASP A 255 13.25 11.53 -13.57
C ASP A 255 12.34 10.55 -14.34
N PRO A 256 11.97 9.42 -13.71
CA PRO A 256 11.19 8.42 -14.45
C PRO A 256 9.69 8.72 -14.61
N LEU A 257 9.11 9.56 -13.75
CA LEU A 257 7.66 9.80 -13.81
C LEU A 257 7.18 10.46 -15.11
N PRO A 258 7.84 11.56 -15.53
CA PRO A 258 7.46 12.22 -16.80
C PRO A 258 7.43 11.28 -18.01
N ASP A 259 8.33 10.31 -18.06
CA ASP A 259 8.40 9.38 -19.19
C ASP A 259 7.30 8.32 -19.18
N LEU A 260 6.43 8.38 -18.18
CA LEU A 260 5.40 7.35 -18.04
C LEU A 260 3.99 7.86 -18.36
N ILE A 261 3.90 9.07 -18.89
CA ILE A 261 2.61 9.62 -19.28
C ILE A 261 2.08 8.86 -20.50
N HIS A 262 0.83 8.43 -20.43
CA HIS A 262 0.22 7.67 -21.52
C HIS A 262 -0.16 8.62 -22.66
N PRO A 263 0.13 8.22 -23.90
CA PRO A 263 -0.13 9.05 -25.09
C PRO A 263 -1.61 9.34 -25.31
N ARG A 264 -2.44 8.32 -25.15
CA ARG A 264 -3.87 8.46 -25.41
C ARG A 264 -4.57 9.29 -24.33
N THR A 265 -4.11 9.18 -23.09
CA THR A 265 -4.76 9.84 -21.97
C THR A 265 -4.07 11.13 -21.54
N GLY A 266 -2.75 11.15 -21.62
CA GLY A 266 -1.98 12.28 -21.15
C GLY A 266 -1.89 12.29 -19.63
N ARG A 267 -2.13 11.14 -19.03
CA ARG A 267 -2.09 11.01 -17.57
C ARG A 267 -1.21 9.84 -17.14
N LEU A 268 -1.02 9.73 -15.83
CA LEU A 268 -0.16 8.70 -15.25
C LEU A 268 -0.98 7.57 -14.65
N HIS A 269 -0.75 6.34 -15.10
CA HIS A 269 -1.57 5.20 -14.68
C HIS A 269 -0.79 4.16 -13.87
N THR A 270 -1.22 3.93 -12.65
CA THR A 270 -0.61 2.93 -11.80
C THR A 270 -1.44 1.65 -11.83
N ARG A 271 -0.92 0.60 -11.18
CA ARG A 271 -1.67 -0.64 -11.04
C ARG A 271 -1.98 -0.86 -9.56
N PHE A 272 -3.24 -1.16 -9.25
CA PHE A 272 -3.59 -1.49 -7.88
C PHE A 272 -3.74 -2.98 -7.68
N ASN A 273 -2.70 -3.57 -7.10
CA ASN A 273 -2.63 -5.00 -6.89
C ASN A 273 -3.46 -5.41 -5.68
N GLN A 274 -4.43 -6.28 -5.93
CA GLN A 274 -5.43 -6.65 -4.94
C GLN A 274 -5.07 -7.95 -4.22
N THR A 275 -4.08 -8.66 -4.76
CA THR A 275 -3.69 -9.99 -4.26
C THR A 275 -2.19 -10.02 -3.94
N ALA A 276 -1.67 -8.94 -3.37
CA ALA A 276 -0.23 -8.79 -3.22
C ALA A 276 0.30 -8.90 -1.79
N THR A 277 -0.47 -8.41 -0.83
CA THR A 277 0.02 -8.30 0.55
C THR A 277 -0.50 -9.40 1.48
N ALA A 278 0.21 -9.60 2.59
CA ALA A 278 -0.16 -10.63 3.56
C ALA A 278 -1.22 -10.17 4.55
N THR A 279 -1.50 -8.86 4.59
CA THR A 279 -2.41 -8.28 5.58
C THR A 279 -3.76 -7.90 4.99
N GLY A 280 -3.85 -7.81 3.67
CA GLY A 280 -5.09 -7.45 3.03
C GLY A 280 -5.07 -6.04 2.49
N ARG A 281 -3.95 -5.36 2.69
CA ARG A 281 -3.72 -4.05 2.08
C ARG A 281 -3.66 -4.21 0.57
N LEU A 282 -3.79 -3.09 -0.14
CA LEU A 282 -3.49 -3.04 -1.56
C LEU A 282 -2.02 -2.68 -1.73
N SER A 283 -1.46 -2.97 -2.90
CA SER A 283 -0.14 -2.46 -3.25
C SER A 283 -0.27 -1.73 -4.58
N SER A 284 0.72 -0.91 -4.90
CA SER A 284 0.72 -0.14 -6.14
C SER A 284 2.05 -0.30 -6.88
N SER A 285 1.99 -0.47 -8.19
CA SER A 285 3.21 -0.67 -8.97
C SER A 285 3.12 -0.20 -10.42
N ASP A 286 4.28 0.02 -11.03
CA ASP A 286 4.41 0.36 -12.45
C ASP A 286 3.63 1.58 -12.88
N PRO A 287 3.83 2.73 -12.22
CA PRO A 287 4.75 2.99 -11.11
C PRO A 287 4.05 2.90 -9.78
N ASN A 288 4.82 2.81 -8.69
CA ASN A 288 4.25 2.85 -7.36
C ASN A 288 3.87 4.29 -7.02
N LEU A 289 2.57 4.55 -6.86
CA LEU A 289 2.11 5.87 -6.49
C LEU A 289 1.68 5.94 -5.03
N GLN A 290 1.89 4.84 -4.29
CA GLN A 290 1.58 4.82 -2.87
C GLN A 290 2.77 5.24 -2.02
N ASN A 291 3.85 5.66 -2.66
CA ASN A 291 5.02 6.11 -1.91
C ASN A 291 5.65 7.36 -2.50
N ILE A 292 4.83 8.26 -3.01
CA ILE A 292 5.33 9.54 -3.50
C ILE A 292 5.78 10.38 -2.30
N PRO A 293 6.98 10.96 -2.38
CA PRO A 293 7.61 11.69 -1.27
C PRO A 293 6.71 12.77 -0.68
N VAL A 294 6.81 12.99 0.64
CA VAL A 294 5.97 13.97 1.30
C VAL A 294 6.54 14.47 2.63
N ARG A 295 7.51 13.74 3.18
CA ARG A 295 8.01 14.05 4.52
C ARG A 295 9.14 15.10 4.56
N THR A 296 9.80 15.30 3.43
CA THR A 296 10.87 16.30 3.35
C THR A 296 10.44 17.49 2.49
N PRO A 297 11.20 18.59 2.55
CA PRO A 297 10.89 19.76 1.72
C PRO A 297 10.95 19.45 0.23
N LEU A 298 11.94 18.67 -0.20
CA LEU A 298 12.05 18.32 -1.61
C LEU A 298 10.95 17.34 -2.02
N GLY A 299 10.55 16.49 -1.09
CA GLY A 299 9.44 15.58 -1.33
C GLY A 299 8.18 16.36 -1.65
N GLN A 300 7.90 17.37 -0.83
CA GLN A 300 6.70 18.17 -1.00
C GLN A 300 6.68 18.87 -2.35
N ARG A 301 7.86 19.26 -2.83
CA ARG A 301 7.97 19.87 -4.15
C ARG A 301 7.58 18.87 -5.23
N ILE A 302 7.78 17.59 -4.94
CA ILE A 302 7.41 16.52 -5.88
C ILE A 302 5.90 16.31 -5.93
N ARG A 303 5.24 16.41 -4.79
CA ARG A 303 3.78 16.25 -4.75
C ARG A 303 3.03 17.34 -5.51
N ARG A 304 3.62 18.53 -5.59
CA ARG A 304 3.00 19.65 -6.31
C ARG A 304 2.81 19.29 -7.78
N ALA A 305 3.61 18.34 -8.26
CA ALA A 305 3.55 17.90 -9.65
C ALA A 305 2.24 17.15 -9.95
N PHE A 306 1.64 16.54 -8.94
CA PHE A 306 0.38 15.82 -9.11
C PHE A 306 -0.79 16.78 -9.01
N ILE A 307 -1.42 17.05 -10.16
CA ILE A 307 -2.42 18.11 -10.24
C ILE A 307 -3.79 17.64 -10.74
N ALA A 308 -4.80 18.48 -10.56
CA ALA A 308 -6.14 18.21 -11.08
C ALA A 308 -6.24 18.69 -12.52
N GLU A 309 -7.00 17.96 -13.32
CA GLU A 309 -7.29 18.40 -14.68
C GLU A 309 -7.84 19.81 -14.65
N GLU A 310 -7.79 20.49 -15.80
CA GLU A 310 -8.31 21.85 -15.91
C GLU A 310 -9.81 21.91 -15.62
N GLY A 311 -10.20 22.76 -14.68
CA GLY A 311 -11.59 22.91 -14.32
C GLY A 311 -11.99 22.00 -13.18
N TRP A 312 -11.04 21.20 -12.71
CA TRP A 312 -11.27 20.27 -11.62
C TRP A 312 -10.43 20.63 -10.40
N LEU A 313 -10.74 19.99 -9.27
CA LEU A 313 -9.93 20.12 -8.07
C LEU A 313 -9.67 18.75 -7.46
N LEU A 314 -8.59 18.65 -6.69
CA LEU A 314 -8.30 17.42 -5.95
C LEU A 314 -8.94 17.47 -4.57
N VAL A 315 -9.49 16.33 -4.16
CA VAL A 315 -10.04 16.18 -2.83
C VAL A 315 -9.26 15.08 -2.12
N ALA A 316 -8.55 15.45 -1.05
CA ALA A 316 -7.75 14.48 -0.31
C ALA A 316 -8.39 14.18 1.04
N LEU A 317 -8.68 12.91 1.27
CA LEU A 317 -9.30 12.46 2.53
C LEU A 317 -8.40 11.48 3.26
N ASP A 318 -8.10 11.78 4.52
CA ASP A 318 -7.21 10.97 5.35
C ASP A 318 -7.89 10.54 6.65
N TYR A 319 -7.97 9.24 6.88
CA TYR A 319 -8.34 8.75 8.21
C TYR A 319 -7.23 9.13 9.17
N SER A 320 -7.59 9.65 10.34
CA SER A 320 -6.60 10.03 11.34
C SER A 320 -6.40 8.90 12.33
N GLN A 321 -5.15 8.46 12.47
CA GLN A 321 -4.80 7.42 13.44
C GLN A 321 -5.71 6.21 13.38
N ILE A 322 -6.00 5.71 12.19
CA ILE A 322 -6.98 4.62 12.05
C ILE A 322 -6.56 3.32 12.74
N GLU A 323 -5.32 2.90 12.55
CA GLU A 323 -4.84 1.67 13.18
C GLU A 323 -4.95 1.73 14.70
N LEU A 324 -4.57 2.88 15.26
CA LEU A 324 -4.70 3.11 16.70
C LEU A 324 -6.15 2.93 17.16
N ARG A 325 -7.09 3.51 16.42
CA ARG A 325 -8.51 3.38 16.75
C ARG A 325 -8.99 1.94 16.58
N VAL A 326 -8.53 1.28 15.51
CA VAL A 326 -8.83 -0.13 15.31
C VAL A 326 -8.33 -0.95 16.51
N LEU A 327 -7.18 -0.56 17.04
CA LEU A 327 -6.63 -1.23 18.22
C LEU A 327 -7.48 -0.99 19.45
N ALA A 328 -7.95 0.24 19.62
CA ALA A 328 -8.83 0.58 20.74
C ALA A 328 -10.09 -0.27 20.71
N HIS A 329 -10.59 -0.51 19.51
CA HIS A 329 -11.80 -1.30 19.33
C HIS A 329 -11.53 -2.79 19.51
N LEU A 330 -10.43 -3.26 18.95
CA LEU A 330 -10.06 -4.67 19.03
C LEU A 330 -9.71 -5.12 20.45
N SER A 331 -9.03 -4.24 21.19
CA SER A 331 -8.55 -4.58 22.53
C SER A 331 -9.62 -4.35 23.60
N GLY A 332 -10.27 -3.19 23.54
CA GLY A 332 -11.30 -2.86 24.51
C GLY A 332 -10.78 -1.95 25.60
N ASP A 333 -9.57 -1.43 25.42
CA ASP A 333 -8.94 -0.57 26.41
C ASP A 333 -9.79 0.67 26.70
N GLU A 334 -10.22 0.80 27.95
CA GLU A 334 -11.05 1.92 28.37
C GLU A 334 -10.37 3.28 28.17
N ASN A 335 -9.13 3.40 28.66
CA ASN A 335 -8.41 4.66 28.57
C ASN A 335 -8.12 5.08 27.14
N LEU A 336 -7.89 4.09 26.27
CA LEU A 336 -7.64 4.36 24.87
C LEU A 336 -8.93 4.81 24.19
N ILE A 337 -10.00 4.05 24.39
CA ILE A 337 -11.31 4.41 23.88
C ILE A 337 -11.71 5.79 24.36
N ARG A 338 -11.52 6.05 25.65
CA ARG A 338 -11.88 7.33 26.26
C ARG A 338 -11.23 8.49 25.52
N VAL A 339 -9.98 8.30 25.09
CA VAL A 339 -9.26 9.34 24.38
C VAL A 339 -10.00 9.74 23.10
N PHE A 340 -10.23 8.77 22.23
CA PHE A 340 -10.94 9.02 20.98
C PHE A 340 -12.40 9.39 21.23
N GLN A 341 -12.95 8.91 22.34
CA GLN A 341 -14.33 9.21 22.71
C GLN A 341 -14.48 10.69 23.02
N GLU A 342 -13.62 11.19 23.91
CA GLU A 342 -13.60 12.60 24.26
C GLU A 342 -13.20 13.45 23.05
N GLY A 343 -12.80 12.79 21.98
CA GLY A 343 -12.36 13.47 20.79
C GLY A 343 -11.09 14.28 21.04
N ARG A 344 -10.29 13.83 21.99
CA ARG A 344 -9.05 14.51 22.32
C ARG A 344 -7.86 13.88 21.59
N ASP A 345 -6.89 14.71 21.23
CA ASP A 345 -5.70 14.27 20.50
C ASP A 345 -4.90 13.23 21.27
N ILE A 346 -4.89 11.99 20.76
CA ILE A 346 -4.26 10.87 21.45
C ILE A 346 -2.78 11.09 21.79
N HIS A 347 -2.03 11.66 20.86
CA HIS A 347 -0.60 11.87 21.06
C HIS A 347 -0.31 12.81 22.22
N THR A 348 -1.01 13.94 22.28
CA THR A 348 -0.95 14.81 23.44
C THR A 348 -1.53 14.09 24.65
N GLU A 349 -2.63 13.38 24.43
CA GLU A 349 -3.30 12.63 25.50
C GLU A 349 -2.36 11.61 26.14
N THR A 350 -1.64 10.87 25.31
CA THR A 350 -0.70 9.87 25.80
C THR A 350 0.54 10.56 26.37
N ALA A 351 0.88 11.70 25.78
CA ALA A 351 1.98 12.52 26.29
C ALA A 351 1.52 13.29 27.53
N SER A 352 0.44 12.83 28.13
CA SER A 352 -0.07 13.40 29.36
C SER A 352 -0.47 12.27 30.31
N TRP A 353 -0.32 11.04 29.84
CA TRP A 353 -0.43 9.87 30.70
C TRP A 353 0.93 9.58 31.30
N MET A 354 1.95 10.13 30.67
CA MET A 354 3.32 10.01 31.16
C MET A 354 3.78 11.33 31.76
N PHE A 355 3.29 12.43 31.21
CA PHE A 355 3.65 13.76 31.70
C PHE A 355 2.53 14.42 32.51
N GLY A 356 1.62 15.11 31.81
CA GLY A 356 0.56 15.88 32.45
C GLY A 356 -0.31 15.10 33.43
N VAL A 357 -1.62 15.07 33.18
CA VAL A 357 -2.22 15.73 32.02
C VAL A 357 -2.58 17.18 32.31
N PRO A 358 -2.98 17.94 31.28
CA PRO A 358 -3.01 17.55 29.87
C PRO A 358 -1.78 18.10 29.13
N ARG A 359 -2.01 18.93 28.13
CA ARG A 359 -0.92 19.58 27.40
C ARG A 359 0.04 20.25 28.37
N GLU A 360 1.11 19.55 28.71
CA GLU A 360 2.08 20.03 29.67
C GLU A 360 3.30 19.10 29.74
N LEU A 365 6.18 16.20 27.38
CA LEU A 365 7.11 15.17 26.95
C LEU A 365 7.49 15.31 25.48
N MET A 366 7.12 16.43 24.86
CA MET A 366 7.32 16.59 23.43
C MET A 366 6.30 15.74 22.67
N ARG A 367 5.81 16.24 21.54
CA ARG A 367 4.75 15.60 20.78
C ARG A 367 5.15 14.23 20.22
N ARG A 368 6.15 14.21 19.35
CA ARG A 368 6.59 12.97 18.70
C ARG A 368 7.24 11.99 19.68
N ALA A 369 7.04 12.22 20.98
CA ALA A 369 7.55 11.30 21.99
C ALA A 369 6.48 10.26 22.35
N ALA A 370 5.23 10.70 22.40
CA ALA A 370 4.11 9.79 22.59
C ALA A 370 3.64 9.30 21.23
N LYS A 371 4.06 10.02 20.19
CA LYS A 371 3.69 9.70 18.82
C LYS A 371 4.49 8.52 18.30
N THR A 372 5.81 8.60 18.43
CA THR A 372 6.70 7.54 17.97
C THR A 372 6.43 6.22 18.68
N ILE A 373 5.92 6.31 19.91
CA ILE A 373 5.61 5.10 20.67
C ILE A 373 4.23 4.56 20.31
N ASN A 374 3.27 5.45 20.09
CA ASN A 374 1.96 5.04 19.60
C ASN A 374 2.08 4.24 18.30
N PHE A 375 2.92 4.72 17.39
CA PHE A 375 3.19 4.01 16.14
C PHE A 375 4.01 2.75 16.38
N GLY A 376 4.77 2.75 17.48
CA GLY A 376 5.72 1.69 17.75
C GLY A 376 5.13 0.44 18.37
N VAL A 377 4.08 0.60 19.18
CA VAL A 377 3.46 -0.54 19.85
C VAL A 377 2.83 -1.49 18.83
N LEU A 378 2.42 -0.94 17.70
CA LEU A 378 1.76 -1.69 16.63
C LEU A 378 2.69 -2.70 15.96
N TYR A 379 3.98 -2.42 15.98
CA TYR A 379 4.95 -3.22 15.23
C TYR A 379 5.80 -4.11 16.14
N GLY A 380 5.60 -3.98 17.45
CA GLY A 380 6.39 -4.73 18.41
C GLY A 380 7.78 -4.16 18.55
N MET A 381 7.88 -2.84 18.38
CA MET A 381 9.16 -2.13 18.44
C MET A 381 9.89 -2.35 19.76
N SER A 382 11.18 -2.60 19.66
CA SER A 382 12.01 -2.88 20.84
C SER A 382 12.54 -1.60 21.49
N ALA A 383 12.91 -1.71 22.76
CA ALA A 383 13.42 -0.57 23.53
C ALA A 383 14.58 0.13 22.82
N HIS A 384 15.50 -0.65 22.26
CA HIS A 384 16.67 -0.09 21.60
C HIS A 384 16.30 0.69 20.34
N ARG A 385 15.29 0.20 19.63
CA ARG A 385 14.82 0.86 18.41
C ARG A 385 14.20 2.22 18.74
N LEU A 386 13.69 2.33 19.97
CA LEU A 386 13.08 3.58 20.43
C LEU A 386 14.15 4.61 20.74
N SER A 387 15.25 4.15 21.34
CA SER A 387 16.36 5.03 21.70
C SER A 387 16.86 5.81 20.48
N GLN A 388 17.12 5.09 19.40
CA GLN A 388 17.67 5.69 18.18
C GLN A 388 16.68 6.64 17.51
N GLU A 389 15.42 6.24 17.45
CA GLU A 389 14.40 7.05 16.79
C GLU A 389 14.01 8.28 17.62
N LEU A 390 14.51 8.34 18.85
CA LEU A 390 14.21 9.46 19.74
C LEU A 390 15.45 10.13 20.31
N ALA A 391 16.63 9.72 19.82
CA ALA A 391 17.89 10.25 20.33
C ALA A 391 17.90 10.30 21.85
N ILE A 392 17.55 9.17 22.46
CA ILE A 392 17.35 9.09 23.90
C ILE A 392 18.09 7.90 24.48
N PRO A 393 18.60 8.01 25.71
CA PRO A 393 19.31 6.91 26.36
C PRO A 393 18.51 5.60 26.28
N TYR A 394 19.21 4.47 26.20
CA TYR A 394 18.55 3.17 26.08
C TYR A 394 17.56 2.92 27.20
N GLU A 395 17.91 3.32 28.42
CA GLU A 395 17.08 3.04 29.57
C GLU A 395 15.89 4.01 29.67
N GLU A 396 15.99 5.13 28.96
CA GLU A 396 14.90 6.09 28.91
C GLU A 396 13.85 5.61 27.91
N ALA A 397 14.29 4.84 26.93
CA ALA A 397 13.40 4.25 25.93
C ALA A 397 12.67 3.04 26.52
N GLN A 398 13.40 2.24 27.28
CA GLN A 398 12.85 1.04 27.90
C GLN A 398 11.78 1.41 28.93
N ALA A 399 11.91 2.58 29.53
CA ALA A 399 10.94 3.04 30.52
C ALA A 399 9.75 3.73 29.87
N PHE A 400 10.00 4.46 28.80
CA PHE A 400 8.93 5.10 28.03
C PHE A 400 7.93 4.06 27.54
N ILE A 401 8.39 2.83 27.36
CA ILE A 401 7.56 1.74 26.88
C ILE A 401 6.78 1.05 27.99
N GLU A 402 7.24 1.19 29.22
CA GLU A 402 6.53 0.59 30.34
C GLU A 402 5.36 1.46 30.80
N ARG A 403 5.52 2.77 30.71
CA ARG A 403 4.45 3.71 31.07
C ARG A 403 3.27 3.57 30.11
N TYR A 404 3.53 2.97 28.95
CA TYR A 404 2.50 2.79 27.93
C TYR A 404 1.55 1.66 28.30
N PHE A 405 2.10 0.46 28.49
CA PHE A 405 1.30 -0.70 28.85
C PHE A 405 0.71 -0.54 30.25
N GLN A 406 1.20 0.45 30.98
CA GLN A 406 0.67 0.78 32.28
C GLN A 406 -0.61 1.61 32.10
N SER A 407 -0.50 2.65 31.28
CA SER A 407 -1.66 3.47 30.94
C SER A 407 -2.74 2.63 30.26
N PHE A 408 -2.34 1.87 29.24
CA PHE A 408 -3.30 1.10 28.45
C PHE A 408 -3.05 -0.40 28.54
N PRO A 409 -3.44 -1.01 29.67
CA PRO A 409 -3.18 -2.42 29.99
C PRO A 409 -3.81 -3.39 28.99
N LYS A 410 -5.02 -3.08 28.54
CA LYS A 410 -5.81 -4.00 27.72
C LYS A 410 -5.20 -4.33 26.35
N VAL A 411 -4.32 -3.45 25.86
CA VAL A 411 -3.65 -3.72 24.59
C VAL A 411 -2.72 -4.92 24.76
N ARG A 412 -2.08 -5.00 25.92
CA ARG A 412 -1.18 -6.11 26.23
C ARG A 412 -1.96 -7.41 26.33
N ALA A 413 -3.12 -7.35 26.97
CA ALA A 413 -3.99 -8.52 27.08
C ALA A 413 -4.44 -9.00 25.69
N TRP A 414 -4.69 -8.04 24.79
CA TRP A 414 -5.12 -8.40 23.45
C TRP A 414 -3.98 -9.00 22.65
N ILE A 415 -2.81 -8.37 22.71
CA ILE A 415 -1.61 -8.94 22.10
C ILE A 415 -1.42 -10.39 22.54
N GLU A 416 -1.51 -10.63 23.85
CA GLU A 416 -1.35 -11.97 24.39
C GLU A 416 -2.44 -12.93 23.91
N LYS A 417 -3.68 -12.47 23.96
CA LYS A 417 -4.81 -13.27 23.49
C LYS A 417 -4.64 -13.68 22.02
N THR A 418 -4.26 -12.71 21.19
CA THR A 418 -4.07 -12.98 19.77
C THR A 418 -3.01 -14.06 19.54
N LEU A 419 -1.85 -13.90 20.16
CA LEU A 419 -0.77 -14.87 20.01
C LEU A 419 -1.21 -16.26 20.42
N GLU A 420 -1.84 -16.36 21.60
CA GLU A 420 -2.34 -17.64 22.10
C GLU A 420 -3.24 -18.33 21.08
N GLU A 421 -4.23 -17.61 20.56
CA GLU A 421 -5.17 -18.20 19.62
C GLU A 421 -4.47 -18.50 18.29
N GLY A 422 -3.55 -17.63 17.90
CA GLY A 422 -2.77 -17.83 16.70
C GLY A 422 -1.99 -19.14 16.74
N ARG A 423 -1.45 -19.47 17.91
CA ARG A 423 -0.73 -20.73 18.07
C ARG A 423 -1.68 -21.92 17.97
N ARG A 424 -2.89 -21.74 18.47
CA ARG A 424 -3.86 -22.82 18.54
C ARG A 424 -4.35 -23.28 17.17
N ARG A 425 -4.80 -22.35 16.34
CA ARG A 425 -5.35 -22.70 15.03
C ARG A 425 -4.46 -22.34 13.85
N GLY A 426 -3.32 -21.70 14.13
CA GLY A 426 -2.34 -21.43 13.09
C GLY A 426 -2.54 -20.16 12.28
N TYR A 427 -3.60 -19.41 12.59
CA TYR A 427 -3.82 -18.14 11.91
C TYR A 427 -4.38 -17.06 12.83
N VAL A 428 -4.34 -15.82 12.34
CA VAL A 428 -4.97 -14.70 13.04
C VAL A 428 -5.99 -14.06 12.10
N GLU A 429 -6.85 -13.20 12.65
CA GLU A 429 -7.97 -12.66 11.90
C GLU A 429 -8.13 -11.16 12.04
N THR A 430 -8.66 -10.53 11.00
CA THR A 430 -9.13 -9.16 11.08
C THR A 430 -10.52 -9.15 11.72
N LEU A 431 -11.02 -7.97 12.02
CA LEU A 431 -12.36 -7.81 12.56
C LEU A 431 -13.40 -8.48 11.68
N PHE A 432 -13.11 -8.56 10.38
CA PHE A 432 -14.06 -9.11 9.42
C PHE A 432 -13.83 -10.58 9.12
N GLY A 433 -12.73 -11.14 9.63
CA GLY A 433 -12.46 -12.55 9.44
C GLY A 433 -11.39 -12.86 8.41
N ARG A 434 -10.78 -11.84 7.82
CA ARG A 434 -9.66 -12.06 6.93
C ARG A 434 -8.55 -12.72 7.72
N ARG A 435 -8.01 -13.81 7.21
CA ARG A 435 -6.99 -14.53 7.97
C ARG A 435 -5.62 -14.57 7.30
N ARG A 436 -4.61 -14.74 8.14
CA ARG A 436 -3.24 -14.90 7.68
C ARG A 436 -2.61 -16.04 8.47
N TYR A 437 -2.18 -17.08 7.77
CA TYR A 437 -1.54 -18.21 8.41
C TYR A 437 -0.11 -17.87 8.83
N VAL A 438 0.17 -18.03 10.12
CA VAL A 438 1.48 -17.71 10.68
C VAL A 438 2.02 -18.88 11.51
N PRO A 439 2.73 -19.80 10.86
CA PRO A 439 3.16 -21.07 11.47
C PRO A 439 4.35 -20.98 12.43
N ASP A 440 5.23 -20.01 12.27
CA ASP A 440 6.43 -19.97 13.11
C ASP A 440 6.19 -19.52 14.54
N LEU A 441 4.93 -19.43 14.94
CA LEU A 441 4.59 -19.02 16.30
C LEU A 441 5.08 -20.02 17.35
N GLU A 442 5.35 -21.24 16.92
CA GLU A 442 5.87 -22.25 17.81
C GLU A 442 7.24 -22.75 17.36
N ALA A 443 7.95 -21.90 16.62
CA ALA A 443 9.34 -22.18 16.26
C ALA A 443 10.17 -22.26 17.53
N ARG A 444 11.21 -23.08 17.49
CA ARG A 444 12.03 -23.31 18.67
C ARG A 444 13.21 -22.36 18.77
N VAL A 445 13.47 -21.59 17.71
CA VAL A 445 14.46 -20.52 17.76
C VAL A 445 13.76 -19.22 18.15
N LYS A 446 14.25 -18.59 19.21
CA LYS A 446 13.58 -17.41 19.78
C LYS A 446 13.39 -16.28 18.77
N SER A 447 14.47 -15.89 18.09
CA SER A 447 14.42 -14.79 17.13
C SER A 447 13.37 -15.03 16.05
N VAL A 448 13.26 -16.28 15.61
CA VAL A 448 12.30 -16.66 14.58
C VAL A 448 10.88 -16.64 15.12
N ARG A 449 10.70 -17.17 16.33
CA ARG A 449 9.39 -17.21 16.96
C ARG A 449 8.89 -15.80 17.22
N GLU A 450 9.77 -14.94 17.71
CA GLU A 450 9.36 -13.58 18.07
C GLU A 450 9.10 -12.70 16.86
N ALA A 451 9.79 -12.96 15.76
CA ALA A 451 9.51 -12.26 14.51
C ALA A 451 8.12 -12.66 14.05
N ALA A 452 7.84 -13.96 14.11
CA ALA A 452 6.53 -14.48 13.73
C ALA A 452 5.45 -13.83 14.60
N GLU A 453 5.74 -13.66 15.88
CA GLU A 453 4.80 -13.03 16.81
C GLU A 453 4.48 -11.58 16.40
N ARG A 454 5.48 -10.83 15.94
CA ARG A 454 5.25 -9.45 15.54
C ARG A 454 4.40 -9.35 14.26
N MET A 455 4.62 -10.26 13.32
CA MET A 455 3.81 -10.31 12.11
C MET A 455 2.39 -10.69 12.47
N ALA A 456 2.27 -11.58 13.46
CA ALA A 456 0.98 -12.12 13.88
C ALA A 456 0.04 -11.10 14.48
N PHE A 457 0.49 -10.35 15.49
CA PHE A 457 -0.42 -9.44 16.18
C PHE A 457 -0.56 -8.07 15.52
N ASN A 458 0.34 -7.77 14.60
CA ASN A 458 0.22 -6.53 13.82
C ASN A 458 -0.83 -6.68 12.72
N MET A 459 -0.96 -7.90 12.21
CA MET A 459 -1.81 -8.16 11.05
C MET A 459 -3.30 -7.86 11.27
N PRO A 460 -3.88 -8.29 12.41
CA PRO A 460 -5.30 -8.03 12.63
C PRO A 460 -5.58 -6.53 12.64
N VAL A 461 -4.62 -5.75 13.11
CA VAL A 461 -4.74 -4.30 13.17
C VAL A 461 -4.61 -3.69 11.78
N GLN A 462 -3.48 -3.92 11.14
CA GLN A 462 -3.23 -3.37 9.81
C GLN A 462 -4.26 -3.85 8.80
N GLY A 463 -4.64 -5.13 8.90
CA GLY A 463 -5.56 -5.74 7.97
C GLY A 463 -7.00 -5.31 8.16
N THR A 464 -7.35 -4.94 9.39
CA THR A 464 -8.68 -4.44 9.69
C THR A 464 -8.84 -3.02 9.18
N ALA A 465 -7.76 -2.24 9.23
CA ALA A 465 -7.78 -0.89 8.68
C ALA A 465 -7.88 -0.93 7.15
N ALA A 466 -7.21 -1.90 6.55
CA ALA A 466 -7.30 -2.13 5.12
C ALA A 466 -8.74 -2.51 4.72
N ASP A 467 -9.37 -3.36 5.53
CA ASP A 467 -10.75 -3.76 5.29
C ASP A 467 -11.71 -2.57 5.36
N LEU A 468 -11.50 -1.70 6.35
CA LEU A 468 -12.33 -0.52 6.53
C LEU A 468 -12.21 0.42 5.34
N MET A 469 -10.97 0.65 4.89
CA MET A 469 -10.72 1.52 3.75
C MET A 469 -11.33 0.94 2.48
N LYS A 470 -11.11 -0.35 2.26
CA LYS A 470 -11.66 -1.02 1.08
C LYS A 470 -13.18 -0.87 1.03
N LEU A 471 -13.85 -1.28 2.11
CA LEU A 471 -15.30 -1.20 2.17
C LEU A 471 -15.75 0.22 1.90
N ALA A 472 -14.97 1.19 2.38
CA ALA A 472 -15.31 2.61 2.20
C ALA A 472 -15.22 2.99 0.73
N MET A 473 -14.22 2.46 0.03
CA MET A 473 -14.10 2.72 -1.40
C MET A 473 -15.29 2.14 -2.17
N VAL A 474 -15.72 0.95 -1.75
CA VAL A 474 -16.84 0.27 -2.39
C VAL A 474 -18.13 1.06 -2.25
N LYS A 475 -18.33 1.66 -1.08
CA LYS A 475 -19.52 2.44 -0.80
C LYS A 475 -19.46 3.85 -1.39
N LEU A 476 -18.25 4.36 -1.56
CA LEU A 476 -18.08 5.74 -2.00
C LEU A 476 -18.15 5.86 -3.51
N PHE A 477 -17.70 4.82 -4.21
CA PHE A 477 -17.62 4.85 -5.66
C PHE A 477 -18.94 5.20 -6.36
N PRO A 478 -20.03 4.47 -6.03
CA PRO A 478 -21.31 4.75 -6.67
C PRO A 478 -21.79 6.19 -6.44
N ARG A 479 -21.55 6.73 -5.25
CA ARG A 479 -21.98 8.08 -4.93
C ARG A 479 -21.18 9.13 -5.70
N LEU A 480 -19.93 8.81 -6.00
CA LEU A 480 -19.04 9.72 -6.72
C LEU A 480 -19.43 9.80 -8.19
N GLU A 481 -19.74 8.64 -8.77
CA GLU A 481 -20.12 8.57 -10.16
C GLU A 481 -21.40 9.36 -10.41
N GLU A 482 -22.25 9.43 -9.40
CA GLU A 482 -23.47 10.23 -9.46
C GLU A 482 -23.15 11.71 -9.63
N MET A 483 -22.18 12.22 -8.86
CA MET A 483 -21.84 13.63 -8.90
C MET A 483 -20.78 13.95 -9.95
N GLY A 484 -20.50 13.00 -10.82
CA GLY A 484 -19.48 13.18 -11.84
C GLY A 484 -18.10 13.44 -11.27
N ALA A 485 -17.77 12.76 -10.18
CA ALA A 485 -16.44 12.89 -9.59
C ALA A 485 -15.61 11.64 -9.84
N ARG A 486 -14.32 11.70 -9.49
CA ARG A 486 -13.42 10.59 -9.77
C ARG A 486 -12.66 10.13 -8.54
N MET A 487 -12.45 8.82 -8.44
CA MET A 487 -11.51 8.27 -7.49
C MET A 487 -10.19 8.09 -8.25
N LEU A 488 -9.09 8.60 -7.71
CA LEU A 488 -7.82 8.54 -8.42
C LEU A 488 -6.79 7.63 -7.74
N LEU A 489 -6.62 7.78 -6.43
CA LEU A 489 -5.58 7.04 -5.71
C LEU A 489 -6.04 6.61 -4.32
N GLN A 490 -5.45 5.53 -3.84
CA GLN A 490 -5.59 5.12 -2.45
C GLN A 490 -4.19 4.89 -1.90
N VAL A 491 -3.93 5.44 -0.71
CA VAL A 491 -2.63 5.24 -0.04
C VAL A 491 -2.85 4.67 1.36
N HIS A 492 -3.46 3.49 1.42
CA HIS A 492 -3.62 2.74 2.67
C HIS A 492 -4.67 3.32 3.63
N ASP A 493 -4.48 4.56 4.06
CA ASP A 493 -5.49 5.19 4.91
C ASP A 493 -5.90 6.57 4.38
N GLU A 494 -5.66 6.80 3.10
CA GLU A 494 -5.99 8.08 2.47
C GLU A 494 -6.57 7.84 1.08
N LEU A 495 -7.46 8.74 0.65
CA LEU A 495 -7.97 8.71 -0.72
C LEU A 495 -7.76 10.04 -1.41
N VAL A 496 -7.43 9.99 -2.69
CA VAL A 496 -7.42 11.20 -3.50
C VAL A 496 -8.47 11.08 -4.59
N LEU A 497 -9.38 12.05 -4.61
CA LEU A 497 -10.43 12.11 -5.62
C LEU A 497 -10.20 13.37 -6.43
N GLU A 498 -10.75 13.42 -7.64
CA GLU A 498 -10.84 14.69 -8.33
C GLU A 498 -12.29 15.00 -8.70
N ALA A 499 -12.68 16.25 -8.50
CA ALA A 499 -14.05 16.66 -8.67
C ALA A 499 -14.14 17.97 -9.43
N PRO A 500 -15.24 18.16 -10.18
CA PRO A 500 -15.48 19.44 -10.86
C PRO A 500 -15.42 20.59 -9.86
N LYS A 501 -14.81 21.70 -10.25
CA LYS A 501 -14.64 22.86 -9.37
C LYS A 501 -15.89 23.15 -8.54
N GLU A 502 -17.05 23.11 -9.19
CA GLU A 502 -18.30 23.51 -8.56
C GLU A 502 -18.82 22.50 -7.53
N ARG A 503 -18.61 21.22 -7.81
N ARG A 503 -18.62 21.22 -7.80
CA ARG A 503 -19.10 20.15 -6.93
CA ARG A 503 -19.11 20.18 -6.91
C ARG A 503 -18.08 19.78 -5.87
C ARG A 503 -18.06 19.72 -5.90
N ALA A 504 -16.84 20.23 -6.06
CA ALA A 504 -15.73 19.86 -5.17
C ALA A 504 -16.10 19.85 -3.68
N GLU A 505 -16.67 20.94 -3.21
CA GLU A 505 -16.98 21.06 -1.79
C GLU A 505 -18.08 20.09 -1.37
N ALA A 506 -19.00 19.80 -2.28
CA ALA A 506 -20.07 18.85 -2.01
C ALA A 506 -19.51 17.43 -1.98
N VAL A 507 -18.57 17.15 -2.89
CA VAL A 507 -17.90 15.85 -2.91
C VAL A 507 -17.10 15.63 -1.64
N ALA A 508 -16.49 16.70 -1.13
CA ALA A 508 -15.67 16.62 0.08
C ALA A 508 -16.50 16.35 1.32
N ARG A 509 -17.64 17.03 1.46
CA ARG A 509 -18.51 16.80 2.61
C ARG A 509 -19.06 15.38 2.57
N LEU A 510 -19.45 14.94 1.38
CA LEU A 510 -20.03 13.61 1.20
C LEU A 510 -19.03 12.49 1.50
N ALA A 511 -17.91 12.49 0.77
CA ALA A 511 -16.89 11.46 0.93
C ALA A 511 -16.50 11.31 2.39
N LYS A 512 -16.39 12.43 3.10
CA LYS A 512 -16.04 12.40 4.51
C LYS A 512 -17.03 11.58 5.33
N GLU A 513 -18.32 11.80 5.08
CA GLU A 513 -19.37 11.11 5.84
C GLU A 513 -19.39 9.63 5.53
N VAL A 514 -19.20 9.28 4.27
CA VAL A 514 -19.19 7.89 3.85
C VAL A 514 -18.03 7.12 4.47
N MET A 515 -16.88 7.79 4.58
CA MET A 515 -15.69 7.16 5.16
C MET A 515 -15.76 7.09 6.69
N GLU A 516 -16.38 8.08 7.30
CA GLU A 516 -16.50 8.11 8.76
C GLU A 516 -17.51 7.12 9.30
N GLY A 517 -18.53 6.82 8.51
CA GLY A 517 -19.56 5.89 8.93
C GLY A 517 -19.48 4.55 8.23
N VAL A 518 -18.33 4.27 7.62
CA VAL A 518 -18.15 3.03 6.87
C VAL A 518 -18.56 1.82 7.72
N TYR A 519 -18.32 1.91 9.02
CA TYR A 519 -18.54 0.80 9.92
C TYR A 519 -18.25 1.25 11.35
N PRO A 520 -19.30 1.66 12.08
CA PRO A 520 -19.14 2.17 13.44
C PRO A 520 -18.38 1.22 14.35
N LEU A 521 -17.47 1.76 15.16
CA LEU A 521 -16.72 0.98 16.14
C LEU A 521 -16.94 1.58 17.52
N ALA A 522 -16.40 0.93 18.54
CA ALA A 522 -16.51 1.44 19.91
C ALA A 522 -15.86 2.82 20.02
N VAL A 523 -15.24 3.24 18.92
CA VAL A 523 -14.54 4.52 18.82
C VAL A 523 -14.90 5.16 17.50
N PRO A 524 -15.07 6.50 17.49
CA PRO A 524 -15.41 7.17 16.24
C PRO A 524 -14.23 7.23 15.27
N LEU A 525 -14.53 7.27 13.97
CA LEU A 525 -13.51 7.45 12.95
C LEU A 525 -13.52 8.90 12.49
N GLU A 526 -12.36 9.54 12.54
CA GLU A 526 -12.25 10.94 12.13
C GLU A 526 -11.48 11.06 10.83
N VAL A 527 -12.03 11.83 9.88
CA VAL A 527 -11.40 12.01 8.58
C VAL A 527 -11.06 13.48 8.36
N GLU A 528 -9.85 13.73 7.87
CA GLU A 528 -9.41 15.07 7.53
C GLU A 528 -9.48 15.23 6.02
N VAL A 529 -10.17 16.26 5.55
CA VAL A 529 -10.31 16.50 4.12
C VAL A 529 -9.68 17.82 3.71
N GLY A 530 -9.18 17.86 2.47
CA GLY A 530 -8.63 19.08 1.90
C GLY A 530 -8.91 19.14 0.42
N ILE A 531 -9.03 20.35 -0.10
CA ILE A 531 -9.28 20.57 -1.51
C ILE A 531 -8.22 21.51 -2.07
N GLY A 532 -7.79 21.26 -3.29
CA GLY A 532 -6.73 22.05 -3.88
C GLY A 532 -6.39 21.64 -5.29
N GLU A 533 -5.58 22.47 -5.96
CA GLU A 533 -5.26 22.27 -7.36
C GLU A 533 -4.19 21.19 -7.54
N ASP A 534 -3.54 20.81 -6.45
CA ASP A 534 -2.55 19.73 -6.49
C ASP A 534 -2.56 18.90 -5.21
N TRP A 535 -1.85 17.77 -5.23
CA TRP A 535 -1.86 16.83 -4.12
C TRP A 535 -1.39 17.45 -2.80
N LEU A 536 -0.37 18.30 -2.88
CA LEU A 536 0.16 18.96 -1.69
C LEU A 536 -0.83 19.99 -1.12
N SER A 537 -1.45 20.75 -2.00
CA SER A 537 -2.49 21.71 -1.60
C SER A 537 -3.66 20.97 -0.96
N ALA A 538 -4.14 19.94 -1.64
CA ALA A 538 -5.32 19.20 -1.19
C ALA A 538 -5.11 18.57 0.17
N LYS A 539 -3.91 18.04 0.40
CA LYS A 539 -3.62 17.40 1.69
C LYS A 539 -3.62 18.44 2.81
N GLU A 540 -2.85 18.19 3.87
CA GLU A 540 -2.82 19.07 5.03
C GLU A 540 -4.11 18.96 5.83
P DDG B 12 3.02 9.01 4.26
OP1 DDG B 12 2.12 10.16 3.95
OP2 DDG B 12 4.05 9.16 5.37
O5' DDG B 12 2.10 7.73 4.62
C5' DDG B 12 1.04 7.34 3.74
C4' DDG B 12 0.42 6.03 4.19
O4' DDG B 12 1.32 4.93 4.03
C3' DDG B 12 0.04 6.08 5.66
C2' DDG B 12 0.31 4.67 6.16
C1' DDG B 12 1.25 4.05 5.15
N9 DDG B 12 2.61 3.96 5.74
C8 DDG B 12 3.48 4.98 5.87
N7 DDG B 12 4.63 4.57 6.46
C5 DDG B 12 4.49 3.27 6.74
C6 DDG B 12 5.32 2.21 7.36
O6 DDG B 12 6.46 2.47 7.79
N1 DDG B 12 4.79 0.98 7.44
C2 DDG B 12 3.56 0.67 6.99
N2 DDG B 12 3.10 -0.59 7.12
N3 DDG B 12 2.75 1.59 6.41
C4 DDG B 12 3.16 2.87 6.25
O5' 3DR C 4 12.46 -4.91 15.98
P 3DR C 4 13.97 -4.96 16.53
OP1 3DR C 4 14.62 -6.23 16.03
OP2 3DR C 4 14.60 -3.63 16.25
C2' 3DR C 4 10.93 -3.14 12.82
C5' 3DR C 4 11.82 -3.66 15.80
C4' 3DR C 4 10.48 -3.82 15.08
O4' 3DR C 4 9.93 -2.52 14.88
C1' 3DR C 4 10.45 -1.96 13.66
C3' 3DR C 4 10.68 -4.37 13.68
O3' 3DR C 4 9.49 -5.02 13.23
PG DG3 D . -0.15 14.46 13.84
O1G DG3 D . -0.54 15.04 12.50
O2G DG3 D . -1.28 14.27 14.80
O3G DG3 D . 1.10 15.07 14.44
O3B DG3 D . 0.30 12.95 13.49
PB DG3 D . -0.74 11.90 12.86
O1B DG3 D . -1.55 12.62 11.79
O2B DG3 D . -1.45 11.21 14.00
O3A DG3 D . 0.24 10.82 12.18
PA DG3 D . 0.61 10.87 10.61
O1A DG3 D . 2.00 11.42 10.46
O2A DG3 D . -0.53 11.50 9.84
O5' DG3 D . 0.65 9.31 10.22
C5' DG3 D . 0.27 8.91 8.91
C4' DG3 D . 0.21 7.39 8.77
O4' DG3 D . 1.51 6.85 8.60
C3' DG3 D . -0.38 6.74 10.02
C2' DG3 D . 0.50 5.53 10.30
C1' DG3 D . 1.56 5.56 9.20
N9 DG3 D . 2.92 5.27 9.71
C8 DG3 D . 3.39 4.07 10.13
N7 DG3 D . 4.69 4.16 10.52
C5 DG3 D . 5.08 5.44 10.34
C6 DG3 D . 6.32 6.23 10.56
O6 DG3 D . 7.35 5.69 11.01
N1 DG3 D . 6.30 7.54 10.25
C2 DG3 D . 5.20 8.14 9.76
N2 DG3 D . 5.26 9.47 9.47
N3 DG3 D . 4.03 7.48 9.53
C4 DG3 D . 3.92 6.17 9.80
NA NA E . -9.74 -9.52 -10.72
C1 GOL F . -19.86 -8.97 8.34
O1 GOL F . -19.49 -8.31 9.53
C2 GOL F . -19.03 -10.24 8.17
O2 GOL F . -19.14 -11.05 9.32
C3 GOL F . -17.56 -9.88 7.94
O3 GOL F . -16.92 -10.93 7.25
C ACT G . 6.38 2.51 -21.00
O ACT G . 6.63 1.68 -21.90
OXT ACT G . 6.36 3.71 -21.35
CH3 ACT G . 6.10 2.09 -19.58
C1 GOL H . 7.80 5.83 -8.44
O1 GOL H . 7.38 5.06 -7.35
C2 GOL H . 7.98 4.93 -9.65
O2 GOL H . 7.49 3.64 -9.35
C3 GOL H . 9.46 4.83 -10.02
O3 GOL H . 9.59 4.14 -11.24
#